data_7VMY
#
_entry.id   7VMY
#
_cell.length_a   47.280
_cell.length_b   47.520
_cell.length_c   61.190
_cell.angle_alpha   100.124
_cell.angle_beta   104.693
_cell.angle_gamma   96.679
#
_symmetry.space_group_name_H-M   'P 1'
#
loop_
_entity.id
_entity.type
_entity.pdbx_description
1 polymer 'LynF/TruF/PatF family peptide O-prenyltransferase'
2 non-polymer 'MAGNESIUM ION'
3 non-polymer 'GERANYL S-THIOLODIPHOSPHATE'
4 non-polymer 2-[BIS-(2-HYDROXY-ETHYL)-AMINO]-2-HYDROXYMETHYL-PROPANE-1,3-DIOL
5 water water
#
_entity_poly.entity_id   1
_entity_poly.type   'polypeptide(L)'
_entity_poly.pdbx_seq_one_letter_code
;MKKRKSSKVFKSTIAPEEKLRYIGNHKQAFDIEPLYPLALFEEFVATTGDCIIECSGKIKQDQLYPARIDLQFSDKHHFH
NIHTSIDFLKRAASRTDVNLNLDILATFLAGNFDYSKVQNILAGIDLRQNLGESKLKLFIRIGDYPAKMAVAKHLCNITP
ESEAMLRSDTLHIGFDFYLDGRSAIELYPELKKDEFNHPFIYNQLKTILSPEALKPLPLCNLFGIGLSPANEANVLYYHL
ENIEDFLSYFPINDTARRVHDFYLQQEGSRRMWVALSESEMKAGRINNVNLYYSKAFTSQNP
;
_entity_poly.pdbx_strand_id   A,B
#
loop_
_chem_comp.id
_chem_comp.type
_chem_comp.name
_chem_comp.formula
BTB non-polymer 2-[BIS-(2-HYDROXY-ETHYL)-AMINO]-2-HYDROXYMETHYL-PROPANE-1,3-DIOL 'C8 H19 N O5'
GST non-polymer 'GERANYL S-THIOLODIPHOSPHATE' 'C10 H20 O6 P2 S'
MG non-polymer 'MAGNESIUM ION' 'Mg 2'
#
# COMPACT_ATOMS: atom_id res chain seq x y z
N VAL A 9 -4.19 18.05 21.95
CA VAL A 9 -5.45 18.42 22.60
C VAL A 9 -6.42 18.96 21.53
N PHE A 10 -5.94 19.92 20.77
CA PHE A 10 -6.65 20.45 19.62
C PHE A 10 -6.03 19.85 18.37
N LYS A 11 -6.80 19.85 17.29
CA LYS A 11 -6.20 19.47 16.02
C LYS A 11 -5.10 20.45 15.64
N SER A 12 -3.98 19.90 15.17
CA SER A 12 -2.90 20.71 14.66
C SER A 12 -3.18 21.15 13.22
N THR A 13 -2.64 22.32 12.87
CA THR A 13 -2.64 22.81 11.49
C THR A 13 -1.21 23.16 11.09
N ILE A 14 -0.74 22.62 9.95
CA ILE A 14 0.52 23.08 9.39
C ILE A 14 0.38 24.53 8.94
N ALA A 15 1.40 25.34 9.20
CA ALA A 15 1.27 26.75 8.85
C ALA A 15 1.24 26.90 7.34
N PRO A 16 0.34 27.75 6.79
CA PRO A 16 0.29 27.95 5.33
C PRO A 16 1.63 28.36 4.75
N GLU A 17 2.41 29.17 5.49
CA GLU A 17 3.69 29.59 4.97
C GLU A 17 4.58 28.41 4.60
N GLU A 18 4.56 27.33 5.37
CA GLU A 18 5.41 26.19 5.03
C GLU A 18 5.04 25.61 3.67
N LYS A 19 3.74 25.46 3.41
CA LYS A 19 3.29 24.95 2.13
C LYS A 19 3.56 25.92 1.01
N LEU A 20 3.30 27.21 1.26
CA LEU A 20 3.50 28.19 0.21
C LEU A 20 4.99 28.43 -0.02
N ARG A 21 5.85 28.13 0.97
CA ARG A 21 7.29 28.21 0.75
C ARG A 21 7.72 27.30 -0.39
N TYR A 22 7.22 26.06 -0.37
CA TYR A 22 7.59 25.08 -1.39
C TYR A 22 7.11 25.54 -2.76
N ILE A 23 5.87 26.00 -2.84
CA ILE A 23 5.38 26.54 -4.10
C ILE A 23 6.16 27.79 -4.51
N GLY A 24 6.50 28.65 -3.54
CA GLY A 24 7.27 29.85 -3.86
C GLY A 24 8.66 29.55 -4.39
N ASN A 25 9.30 28.48 -3.89
CA ASN A 25 10.61 28.13 -4.43
C ASN A 25 10.50 27.76 -5.90
N HIS A 26 9.42 27.05 -6.26
CA HIS A 26 9.22 26.64 -7.64
C HIS A 26 8.95 27.86 -8.51
N LYS A 27 8.10 28.76 -8.01
CA LYS A 27 7.85 29.99 -8.77
C LYS A 27 9.13 30.76 -9.00
N GLN A 28 9.97 30.85 -7.98
CA GLN A 28 11.21 31.62 -8.16
C GLN A 28 12.18 30.86 -9.07
N ALA A 29 12.25 29.54 -8.97
CA ALA A 29 13.19 28.77 -9.82
C ALA A 29 12.93 28.99 -11.29
N PHE A 30 11.66 29.19 -11.66
CA PHE A 30 11.29 29.15 -13.07
C PHE A 30 10.54 30.40 -13.50
N ASP A 31 10.65 31.47 -12.72
CA ASP A 31 10.22 32.80 -13.12
C ASP A 31 8.73 32.88 -13.40
N ILE A 32 7.94 32.27 -12.52
CA ILE A 32 6.51 32.17 -12.77
C ILE A 32 5.85 33.46 -12.34
N GLU A 33 5.26 34.16 -13.30
CA GLU A 33 4.43 35.33 -13.03
C GLU A 33 3.07 34.89 -12.47
N PRO A 34 2.33 35.79 -11.78
CA PRO A 34 1.03 35.37 -11.17
C PRO A 34 -0.12 35.22 -12.16
N LEU A 35 -0.07 34.18 -12.97
CA LEU A 35 -1.12 33.92 -13.95
C LEU A 35 -2.40 33.56 -13.20
N TYR A 36 -3.53 33.88 -13.80
CA TYR A 36 -4.81 33.49 -13.20
C TYR A 36 -5.04 32.00 -13.38
N PRO A 37 -5.51 31.27 -12.34
CA PRO A 37 -5.88 31.73 -11.00
C PRO A 37 -4.86 31.28 -9.97
N LEU A 38 -3.57 31.55 -10.20
CA LEU A 38 -2.57 31.06 -9.26
C LEU A 38 -2.82 31.61 -7.85
N ALA A 39 -3.22 32.90 -7.73
CA ALA A 39 -3.37 33.44 -6.39
C ALA A 39 -4.52 32.76 -5.65
N LEU A 40 -5.61 32.44 -6.36
CA LEU A 40 -6.71 31.69 -5.76
C LEU A 40 -6.27 30.30 -5.32
N PHE A 41 -5.45 29.64 -6.13
CA PHE A 41 -4.97 28.31 -5.79
C PHE A 41 -4.08 28.35 -4.56
N GLU A 42 -3.22 29.36 -4.46
CA GLU A 42 -2.41 29.48 -3.24
C GLU A 42 -3.27 29.72 -1.99
N GLU A 43 -4.32 30.52 -2.10
CA GLU A 43 -5.28 30.62 -0.97
C GLU A 43 -5.94 29.28 -0.67
N PHE A 44 -6.35 28.54 -1.70
CA PHE A 44 -6.86 27.19 -1.48
C PHE A 44 -5.84 26.33 -0.73
N VAL A 45 -4.58 26.34 -1.17
CA VAL A 45 -3.57 25.51 -0.50
C VAL A 45 -3.46 25.90 0.97
N ALA A 46 -3.56 27.19 1.26
CA ALA A 46 -3.47 27.69 2.64
C ALA A 46 -4.54 27.11 3.53
N THR A 47 -5.71 26.82 3.00
CA THR A 47 -6.84 26.33 3.79
C THR A 47 -6.81 24.83 4.03
N THR A 48 -5.87 24.10 3.44
CA THR A 48 -5.92 22.65 3.57
C THR A 48 -5.24 22.18 4.86
N GLY A 49 -5.45 20.91 5.18
CA GLY A 49 -4.82 20.25 6.31
C GLY A 49 -3.54 19.58 5.88
N ASP A 50 -3.28 18.35 6.33
CA ASP A 50 -2.05 17.68 5.90
C ASP A 50 -2.17 17.34 4.41
N CYS A 51 -1.05 17.43 3.70
CA CYS A 51 -1.13 17.18 2.28
C CYS A 51 0.26 16.90 1.75
N ILE A 52 0.29 16.49 0.48
CA ILE A 52 1.52 16.39 -0.30
C ILE A 52 1.35 17.41 -1.41
N ILE A 53 2.38 18.20 -1.67
CA ILE A 53 2.34 19.14 -2.78
C ILE A 53 3.32 18.64 -3.83
N GLU A 54 2.85 18.54 -5.06
CA GLU A 54 3.66 18.09 -6.19
C GLU A 54 3.88 19.26 -7.12
N CYS A 55 5.14 19.62 -7.38
CA CYS A 55 5.43 20.64 -8.38
C CYS A 55 6.06 19.96 -9.57
N SER A 56 5.77 20.47 -10.77
CA SER A 56 6.29 19.78 -11.93
C SER A 56 6.64 20.77 -13.03
N GLY A 57 7.43 20.27 -13.98
CA GLY A 57 7.73 21.00 -15.20
C GLY A 57 7.45 20.16 -16.41
N LYS A 58 6.82 20.76 -17.40
CA LYS A 58 6.54 20.19 -18.69
C LYS A 58 7.50 20.77 -19.71
N ILE A 59 8.35 19.93 -20.29
CA ILE A 59 9.35 20.40 -21.25
C ILE A 59 8.91 19.99 -22.65
N LYS A 60 8.84 20.97 -23.56
CA LYS A 60 8.62 20.76 -24.98
C LYS A 60 9.77 21.46 -25.70
N GLN A 61 10.78 20.68 -26.13
CA GLN A 61 11.96 21.22 -26.79
C GLN A 61 12.65 22.22 -25.86
N ASP A 62 12.83 23.47 -26.26
CA ASP A 62 13.45 24.47 -25.40
C ASP A 62 12.41 25.23 -24.58
N GLN A 63 11.16 24.78 -24.57
CA GLN A 63 10.12 25.52 -23.87
C GLN A 63 9.76 24.79 -22.59
N LEU A 64 9.79 25.51 -21.49
CA LEU A 64 9.45 24.98 -20.18
C LEU A 64 8.08 25.56 -19.79
N TYR A 65 7.15 24.67 -19.42
CA TYR A 65 5.87 25.06 -18.82
C TYR A 65 5.90 24.64 -17.36
N PRO A 66 6.23 25.54 -16.42
CA PRO A 66 6.48 25.15 -15.02
C PRO A 66 5.34 25.47 -14.07
N ALA A 67 4.25 26.08 -14.53
CA ALA A 67 3.20 26.48 -13.59
C ALA A 67 2.23 25.33 -13.37
N ARG A 68 2.78 24.22 -12.88
CA ARG A 68 2.06 22.96 -12.72
C ARG A 68 2.23 22.57 -11.26
N ILE A 69 1.13 22.62 -10.49
CA ILE A 69 1.19 22.33 -9.05
C ILE A 69 -0.05 21.53 -8.71
N ASP A 70 0.12 20.41 -8.02
CA ASP A 70 -0.99 19.57 -7.57
C ASP A 70 -0.92 19.47 -6.05
N LEU A 71 -2.09 19.41 -5.39
CA LEU A 71 -2.13 19.14 -3.95
C LEU A 71 -2.88 17.83 -3.73
N GLN A 72 -2.31 16.94 -2.92
CA GLN A 72 -2.98 15.69 -2.54
C GLN A 72 -3.35 15.73 -1.07
N PHE A 73 -4.64 15.59 -0.76
CA PHE A 73 -5.06 15.59 0.63
C PHE A 73 -4.55 14.34 1.32
N SER A 74 -4.02 14.50 2.51
CA SER A 74 -3.51 13.31 3.20
C SER A 74 -4.57 12.63 4.05
N ASP A 75 -5.57 13.35 4.49
CA ASP A 75 -6.57 12.70 5.33
C ASP A 75 -7.60 11.98 4.46
N LYS A 76 -8.52 11.26 5.10
CA LYS A 76 -9.53 10.50 4.40
C LYS A 76 -10.92 11.19 4.41
N HIS A 77 -10.94 12.52 4.47
CA HIS A 77 -12.23 13.25 4.43
C HIS A 77 -12.65 13.49 2.98
N HIS A 78 -12.94 12.40 2.26
CA HIS A 78 -12.95 12.49 0.79
C HIS A 78 -14.10 13.35 0.29
N PHE A 79 -15.29 13.22 0.89
CA PHE A 79 -16.42 14.02 0.43
C PHE A 79 -16.14 15.49 0.59
N HIS A 80 -15.68 15.88 1.78
CA HIS A 80 -15.42 17.29 2.04
C HIS A 80 -14.21 17.79 1.24
N ASN A 81 -13.19 16.95 1.04
CA ASN A 81 -12.04 17.37 0.22
C ASN A 81 -12.44 17.55 -1.23
N ILE A 82 -13.25 16.65 -1.80
CA ILE A 82 -13.75 16.89 -3.16
C ILE A 82 -14.53 18.18 -3.25
N HIS A 83 -15.33 18.47 -2.24
N HIS A 83 -15.38 18.44 -2.24
CA HIS A 83 -16.21 19.60 -2.40
CA HIS A 83 -16.25 19.62 -2.29
C HIS A 83 -15.46 20.94 -2.21
C HIS A 83 -15.43 20.91 -2.23
N THR A 84 -14.41 20.97 -1.37
CA THR A 84 -13.58 22.17 -1.34
CA THR A 84 -13.60 22.17 -1.33
C THR A 84 -12.77 22.29 -2.62
N SER A 85 -12.37 21.16 -3.22
CA SER A 85 -11.62 21.22 -4.47
C SER A 85 -12.50 21.74 -5.57
N ILE A 86 -13.73 21.23 -5.65
CA ILE A 86 -14.68 21.69 -6.68
C ILE A 86 -15.08 23.13 -6.45
N ASP A 87 -15.17 23.55 -5.19
CA ASP A 87 -15.47 24.94 -4.91
C ASP A 87 -14.36 25.86 -5.44
N PHE A 88 -13.10 25.42 -5.33
CA PHE A 88 -12.00 26.14 -5.98
C PHE A 88 -12.21 26.23 -7.50
N LEU A 89 -12.54 25.09 -8.15
CA LEU A 89 -12.74 25.09 -9.59
C LEU A 89 -13.82 26.08 -9.97
N LYS A 90 -14.92 26.08 -9.21
CA LYS A 90 -16.05 26.91 -9.62
C LYS A 90 -15.78 28.37 -9.35
N ARG A 91 -15.12 28.66 -8.22
CA ARG A 91 -14.73 30.05 -7.97
C ARG A 91 -13.78 30.56 -9.05
N ALA A 92 -12.77 29.76 -9.41
CA ALA A 92 -11.89 30.20 -10.48
C ALA A 92 -12.66 30.44 -11.79
N ALA A 93 -13.62 29.57 -12.10
CA ALA A 93 -14.47 29.73 -13.26
C ALA A 93 -15.42 30.92 -13.19
N SER A 94 -15.58 31.61 -12.05
CA SER A 94 -16.51 32.74 -11.96
C SER A 94 -16.09 33.95 -12.77
N ARG A 95 -14.82 34.09 -13.07
CA ARG A 95 -14.36 35.25 -13.81
C ARG A 95 -14.89 35.26 -15.24
N THR A 96 -15.39 36.42 -15.70
CA THR A 96 -16.15 36.41 -16.95
C THR A 96 -15.32 36.02 -18.17
N ASP A 97 -13.99 36.08 -18.08
CA ASP A 97 -13.19 35.76 -19.27
C ASP A 97 -12.82 34.29 -19.32
N VAL A 98 -13.20 33.55 -18.33
CA VAL A 98 -12.86 32.14 -18.23
C VAL A 98 -14.12 31.35 -18.54
N ASN A 99 -13.97 30.17 -19.15
CA ASN A 99 -15.11 29.29 -19.30
C ASN A 99 -14.67 27.89 -18.86
N LEU A 100 -15.18 27.42 -17.74
CA LEU A 100 -14.94 26.02 -17.38
C LEU A 100 -16.18 25.18 -17.59
N ASN A 101 -15.97 23.99 -18.14
CA ASN A 101 -17.08 23.08 -18.41
C ASN A 101 -16.85 21.84 -17.56
N LEU A 102 -17.61 21.74 -16.47
CA LEU A 102 -17.46 20.61 -15.55
C LEU A 102 -18.43 19.48 -15.84
N ASP A 103 -19.00 19.44 -17.04
CA ASP A 103 -20.00 18.42 -17.37
C ASP A 103 -19.46 17.00 -17.21
N ILE A 104 -18.23 16.73 -17.65
CA ILE A 104 -17.74 15.35 -17.52
C ILE A 104 -17.59 14.95 -16.05
N LEU A 105 -17.32 15.91 -15.18
CA LEU A 105 -17.18 15.58 -13.77
C LEU A 105 -18.56 15.42 -13.15
N ALA A 106 -19.50 16.24 -13.62
CA ALA A 106 -20.87 16.07 -13.13
C ALA A 106 -21.38 14.70 -13.51
N THR A 107 -21.05 14.24 -14.71
CA THR A 107 -21.45 12.90 -15.14
C THR A 107 -20.85 11.83 -14.24
N PHE A 108 -19.56 11.95 -13.95
CA PHE A 108 -18.89 10.96 -13.11
C PHE A 108 -19.49 10.92 -11.71
N LEU A 109 -19.82 12.08 -11.13
CA LEU A 109 -20.33 12.16 -9.77
C LEU A 109 -21.86 11.99 -9.69
N ALA A 110 -22.55 11.74 -10.80
CA ALA A 110 -24.01 11.79 -10.79
C ALA A 110 -24.63 10.70 -9.91
N GLY A 111 -25.87 10.96 -9.47
CA GLY A 111 -26.60 9.94 -8.72
C GLY A 111 -26.14 9.91 -7.27
N ASN A 112 -26.30 8.76 -6.62
CA ASN A 112 -25.81 8.60 -5.24
C ASN A 112 -24.39 8.05 -5.29
N PHE A 113 -23.45 8.96 -5.51
CA PHE A 113 -22.05 8.58 -5.51
C PHE A 113 -21.61 8.16 -4.10
N ASP A 114 -20.90 7.03 -4.02
CA ASP A 114 -20.46 6.46 -2.75
C ASP A 114 -19.07 6.98 -2.42
N TYR A 115 -18.98 8.01 -1.57
CA TYR A 115 -17.68 8.60 -1.28
C TYR A 115 -16.81 7.71 -0.40
N SER A 116 -17.38 6.67 0.20
CA SER A 116 -16.57 5.70 0.93
C SER A 116 -15.68 4.84 0.02
N LYS A 117 -15.92 4.87 -1.29
CA LYS A 117 -15.10 4.12 -2.25
C LYS A 117 -13.97 4.96 -2.81
N VAL A 118 -13.87 6.22 -2.38
CA VAL A 118 -12.77 7.07 -2.80
C VAL A 118 -11.54 6.70 -1.98
N GLN A 119 -10.37 6.75 -2.61
CA GLN A 119 -9.11 6.50 -1.90
C GLN A 119 -8.21 7.73 -1.82
N ASN A 120 -8.19 8.56 -2.86
CA ASN A 120 -7.36 9.77 -2.86
C ASN A 120 -8.03 10.87 -3.68
N ILE A 121 -7.75 12.11 -3.31
CA ILE A 121 -8.20 13.30 -4.03
C ILE A 121 -6.99 14.19 -4.25
N LEU A 122 -6.83 14.67 -5.49
CA LEU A 122 -5.86 15.71 -5.80
C LEU A 122 -6.54 16.86 -6.54
N ALA A 123 -6.09 18.07 -6.26
CA ALA A 123 -6.55 19.26 -7.00
C ALA A 123 -5.32 20.04 -7.48
N GLY A 124 -5.40 20.62 -8.68
CA GLY A 124 -4.16 21.19 -9.20
C GLY A 124 -4.40 22.18 -10.33
N ILE A 125 -3.28 22.73 -10.84
CA ILE A 125 -3.32 23.68 -11.94
C ILE A 125 -2.21 23.34 -12.93
N ASP A 126 -2.40 23.78 -14.19
CA ASP A 126 -1.31 23.85 -15.20
C ASP A 126 -1.55 25.13 -16.03
N LEU A 127 -0.87 26.20 -15.65
CA LEU A 127 -1.22 27.52 -16.17
C LEU A 127 -0.25 27.98 -17.24
N ARG A 128 -0.80 28.64 -18.26
CA ARG A 128 -0.06 29.14 -19.40
C ARG A 128 -0.27 30.64 -19.60
N GLN A 129 0.69 31.27 -20.24
CA GLN A 129 0.54 32.69 -20.56
C GLN A 129 -0.68 32.93 -21.43
N ASN A 130 -1.10 31.92 -22.20
CA ASN A 130 -2.29 32.02 -23.02
C ASN A 130 -3.43 31.44 -22.17
N LEU A 131 -4.27 32.35 -21.64
CA LEU A 131 -5.27 31.95 -20.66
C LEU A 131 -6.06 30.76 -21.15
N GLY A 132 -6.39 30.73 -22.43
CA GLY A 132 -7.21 29.64 -22.96
C GLY A 132 -6.59 28.25 -22.87
N GLU A 133 -5.24 28.15 -22.94
CA GLU A 133 -4.49 26.89 -22.86
C GLU A 133 -4.18 26.47 -21.42
N SER A 134 -4.56 27.30 -20.45
CA SER A 134 -4.39 26.98 -19.06
C SER A 134 -5.45 25.95 -18.67
N LYS A 135 -5.14 25.13 -17.67
CA LYS A 135 -6.17 24.21 -17.20
C LYS A 135 -6.09 24.00 -15.70
N LEU A 136 -7.25 23.67 -15.14
CA LEU A 136 -7.36 23.24 -13.75
C LEU A 136 -7.50 21.74 -13.75
N LYS A 137 -7.11 21.12 -12.65
CA LYS A 137 -7.07 19.66 -12.62
C LYS A 137 -7.76 19.14 -11.37
N LEU A 138 -8.47 18.01 -11.55
CA LEU A 138 -9.01 17.25 -10.40
C LEU A 138 -8.71 15.77 -10.62
N PHE A 139 -8.21 15.10 -9.57
CA PHE A 139 -7.98 13.67 -9.64
C PHE A 139 -8.77 12.96 -8.55
N ILE A 140 -9.36 11.81 -8.91
CA ILE A 140 -10.12 11.03 -7.94
C ILE A 140 -9.73 9.57 -8.14
N ARG A 141 -9.20 8.94 -7.10
CA ARG A 141 -8.88 7.50 -7.15
C ARG A 141 -10.02 6.80 -6.43
N ILE A 142 -10.61 5.79 -7.10
CA ILE A 142 -11.69 5.00 -6.51
C ILE A 142 -11.24 3.55 -6.48
N GLY A 143 -11.81 2.80 -5.55
CA GLY A 143 -11.53 1.38 -5.51
C GLY A 143 -12.79 0.57 -5.29
N ASP A 144 -12.82 -0.61 -5.88
CA ASP A 144 -13.92 -1.54 -5.75
C ASP A 144 -15.27 -0.86 -5.97
N TYR A 145 -15.39 -0.19 -7.12
CA TYR A 145 -16.55 0.64 -7.43
C TYR A 145 -17.01 0.41 -8.87
N PRO A 146 -17.62 -0.75 -9.16
CA PRO A 146 -17.88 -1.14 -10.56
C PRO A 146 -18.67 -0.13 -11.38
N ALA A 147 -19.76 0.41 -10.84
CA ALA A 147 -20.56 1.35 -11.61
C ALA A 147 -19.75 2.57 -12.06
N LYS A 148 -18.98 3.16 -11.16
CA LYS A 148 -18.27 4.37 -11.53
C LYS A 148 -16.98 4.07 -12.29
N MET A 149 -16.39 2.88 -12.10
CA MET A 149 -15.34 2.46 -13.02
C MET A 149 -15.88 2.37 -14.44
N ALA A 150 -17.13 1.89 -14.60
CA ALA A 150 -17.65 1.74 -15.96
C ALA A 150 -17.91 3.11 -16.58
N VAL A 151 -18.42 4.06 -15.79
CA VAL A 151 -18.69 5.41 -16.28
C VAL A 151 -17.40 6.04 -16.76
N ALA A 152 -16.34 5.94 -15.95
CA ALA A 152 -15.06 6.54 -16.32
C ALA A 152 -14.51 5.92 -17.59
N LYS A 153 -14.56 4.60 -17.68
CA LYS A 153 -14.13 3.95 -18.90
C LYS A 153 -14.93 4.42 -20.10
N HIS A 154 -16.21 4.70 -19.90
CA HIS A 154 -17.00 5.15 -21.04
C HIS A 154 -16.63 6.57 -21.43
N LEU A 155 -16.42 7.44 -20.43
CA LEU A 155 -16.03 8.83 -20.70
C LEU A 155 -14.65 8.90 -21.37
N CYS A 156 -13.80 7.91 -21.12
CA CYS A 156 -12.44 7.89 -21.62
C CYS A 156 -12.30 7.16 -22.96
N ASN A 157 -13.39 6.61 -23.49
CA ASN A 157 -13.35 5.86 -24.75
C ASN A 157 -12.38 4.67 -24.68
N ILE A 158 -12.43 3.93 -23.58
CA ILE A 158 -11.54 2.78 -23.43
C ILE A 158 -12.00 1.69 -24.39
N THR A 159 -11.17 1.37 -25.36
CA THR A 159 -11.44 0.24 -26.23
C THR A 159 -10.69 -0.98 -25.75
N PRO A 160 -11.05 -2.16 -26.23
CA PRO A 160 -10.14 -3.31 -26.10
C PRO A 160 -8.71 -2.93 -26.46
N GLU A 161 -7.74 -3.70 -25.95
CA GLU A 161 -6.31 -3.38 -25.94
C GLU A 161 -6.01 -2.40 -24.81
N SER A 162 -6.89 -1.42 -24.60
CA SER A 162 -6.73 -0.56 -23.45
C SER A 162 -7.41 -1.12 -22.21
N GLU A 163 -8.56 -1.79 -22.38
CA GLU A 163 -9.30 -2.35 -21.25
C GLU A 163 -8.44 -3.34 -20.46
N ALA A 164 -7.54 -4.05 -21.15
CA ALA A 164 -6.68 -5.02 -20.49
C ALA A 164 -5.75 -4.40 -19.45
N MET A 165 -5.43 -3.10 -19.58
CA MET A 165 -4.56 -2.44 -18.63
C MET A 165 -5.24 -2.03 -17.33
N LEU A 166 -6.57 -1.89 -17.33
CA LEU A 166 -7.27 -1.38 -16.15
C LEU A 166 -7.47 -2.48 -15.11
N ARG A 167 -7.21 -2.14 -13.85
CA ARG A 167 -7.38 -3.03 -12.71
C ARG A 167 -8.80 -2.91 -12.18
N SER A 168 -9.25 -3.93 -11.46
CA SER A 168 -10.56 -3.88 -10.83
C SER A 168 -10.50 -3.27 -9.44
N ASP A 169 -9.39 -3.46 -8.72
CA ASP A 169 -9.37 -3.06 -7.32
C ASP A 169 -9.26 -1.55 -7.14
N THR A 170 -8.66 -0.83 -8.09
CA THR A 170 -8.36 0.59 -7.91
C THR A 170 -8.22 1.27 -9.27
N LEU A 171 -8.62 2.54 -9.36
CA LEU A 171 -8.55 3.27 -10.64
C LEU A 171 -8.31 4.75 -10.34
N HIS A 172 -7.18 5.28 -10.77
CA HIS A 172 -6.84 6.69 -10.60
C HIS A 172 -7.39 7.46 -11.82
N ILE A 173 -8.29 8.41 -11.59
CA ILE A 173 -8.97 9.13 -12.67
C ILE A 173 -8.58 10.61 -12.60
N GLY A 174 -8.23 11.20 -13.74
CA GLY A 174 -7.91 12.62 -13.79
C GLY A 174 -8.87 13.36 -14.69
N PHE A 175 -9.22 14.57 -14.32
CA PHE A 175 -10.05 15.48 -15.11
C PHE A 175 -9.26 16.74 -15.38
N ASP A 176 -9.23 17.17 -16.64
CA ASP A 176 -8.57 18.40 -17.08
C ASP A 176 -9.66 19.36 -17.49
N PHE A 177 -9.64 20.56 -16.93
CA PHE A 177 -10.63 21.57 -17.35
C PHE A 177 -9.87 22.78 -17.87
N TYR A 178 -9.87 22.96 -19.19
CA TYR A 178 -9.24 24.12 -19.77
C TYR A 178 -10.08 25.37 -19.58
N LEU A 179 -9.41 26.52 -19.51
CA LEU A 179 -10.11 27.76 -19.24
C LEU A 179 -10.86 28.30 -20.46
N ASP A 180 -10.78 27.62 -21.61
CA ASP A 180 -11.59 27.98 -22.76
C ASP A 180 -12.80 27.08 -22.91
N GLY A 181 -13.08 26.23 -21.92
CA GLY A 181 -14.25 25.38 -21.93
C GLY A 181 -14.01 23.96 -22.37
N ARG A 182 -12.80 23.62 -22.82
CA ARG A 182 -12.55 22.23 -23.20
C ARG A 182 -12.27 21.40 -21.96
N SER A 183 -12.54 20.11 -22.04
CA SER A 183 -12.32 19.24 -20.89
CA SER A 183 -12.29 19.26 -20.89
C SER A 183 -11.91 17.86 -21.39
N ALA A 184 -11.22 17.11 -20.53
CA ALA A 184 -10.80 15.77 -20.91
C ALA A 184 -10.65 14.89 -19.67
N ILE A 185 -10.88 13.59 -19.85
CA ILE A 185 -10.67 12.62 -18.77
C ILE A 185 -9.47 11.74 -19.11
N GLU A 186 -8.79 11.27 -18.08
CA GLU A 186 -7.63 10.39 -18.27
C GLU A 186 -7.66 9.31 -17.20
N LEU A 187 -7.38 8.04 -17.60
CA LEU A 187 -7.29 6.93 -16.68
C LEU A 187 -5.83 6.59 -16.51
N TYR A 188 -5.42 6.29 -15.30
CA TYR A 188 -4.02 5.99 -15.02
C TYR A 188 -3.87 4.65 -14.33
N PRO A 189 -4.05 3.55 -15.04
CA PRO A 189 -3.78 2.24 -14.41
C PRO A 189 -2.32 2.14 -13.98
N GLU A 190 -2.08 1.47 -12.84
CA GLU A 190 -0.73 1.39 -12.31
C GLU A 190 -0.39 -0.02 -11.86
N LEU A 191 0.88 -0.33 -11.89
CA LEU A 191 1.39 -1.54 -11.25
C LEU A 191 2.48 -1.20 -10.24
N LYS A 192 2.46 -1.89 -9.11
CA LYS A 192 3.48 -1.81 -8.08
C LYS A 192 4.65 -2.71 -8.43
N LYS A 193 5.79 -2.42 -7.80
CA LYS A 193 7.02 -3.19 -7.95
C LYS A 193 6.74 -4.68 -7.83
N ASP A 194 5.99 -5.07 -6.80
CA ASP A 194 5.78 -6.50 -6.55
C ASP A 194 5.02 -7.19 -7.67
N GLU A 195 4.19 -6.43 -8.39
CA GLU A 195 3.38 -6.90 -9.49
C GLU A 195 4.13 -6.90 -10.83
N PHE A 196 4.72 -5.80 -11.22
CA PHE A 196 5.30 -5.84 -12.56
C PHE A 196 6.56 -6.68 -12.60
N ASN A 197 7.12 -7.05 -11.46
CA ASN A 197 8.28 -7.89 -11.42
C ASN A 197 7.91 -9.36 -11.42
N HIS A 198 6.62 -9.68 -11.53
CA HIS A 198 6.20 -11.06 -11.53
C HIS A 198 6.05 -11.55 -12.96
N PRO A 199 6.63 -12.72 -13.28
CA PRO A 199 6.69 -13.15 -14.69
C PRO A 199 5.33 -13.26 -15.39
N PHE A 200 4.30 -13.69 -14.67
CA PHE A 200 2.97 -13.70 -15.27
C PHE A 200 2.60 -12.32 -15.80
N ILE A 201 2.72 -11.29 -14.96
CA ILE A 201 2.23 -9.97 -15.34
C ILE A 201 3.14 -9.32 -16.36
N TYR A 202 4.45 -9.52 -16.22
CA TYR A 202 5.39 -8.95 -17.18
C TYR A 202 5.16 -9.49 -18.58
N ASN A 203 4.75 -10.75 -18.71
CA ASN A 203 4.55 -11.29 -20.04
C ASN A 203 3.29 -10.71 -20.69
N GLN A 204 2.31 -10.32 -19.89
CA GLN A 204 1.21 -9.58 -20.48
C GLN A 204 1.64 -8.15 -20.84
N LEU A 205 2.58 -7.56 -20.09
CA LEU A 205 3.07 -6.23 -20.44
C LEU A 205 3.82 -6.25 -21.75
N LYS A 206 4.61 -7.32 -21.96
CA LYS A 206 5.37 -7.55 -23.18
C LYS A 206 4.51 -7.54 -24.43
N THR A 207 3.21 -7.80 -24.31
CA THR A 207 2.35 -7.86 -25.48
C THR A 207 1.74 -6.50 -25.80
N ILE A 208 1.49 -5.67 -24.80
CA ILE A 208 0.86 -4.38 -25.01
C ILE A 208 1.85 -3.23 -25.06
N LEU A 209 3.11 -3.44 -24.61
CA LEU A 209 4.13 -2.40 -24.46
C LEU A 209 5.45 -2.85 -25.05
N SER A 210 6.16 -1.94 -25.72
CA SER A 210 7.44 -2.31 -26.29
C SER A 210 8.46 -2.55 -25.17
N PRO A 211 9.54 -3.30 -25.46
CA PRO A 211 10.65 -3.37 -24.51
C PRO A 211 11.10 -1.99 -24.07
N GLU A 212 11.03 -0.97 -24.95
CA GLU A 212 11.51 0.35 -24.60
C GLU A 212 10.73 0.92 -23.45
N ALA A 213 9.42 0.71 -23.45
CA ALA A 213 8.58 1.20 -22.37
C ALA A 213 8.81 0.43 -21.08
N LEU A 214 9.30 -0.79 -21.16
CA LEU A 214 9.54 -1.56 -19.95
C LEU A 214 10.93 -1.30 -19.38
N LYS A 215 11.80 -0.67 -20.16
CA LYS A 215 13.19 -0.48 -19.78
C LYS A 215 13.40 0.15 -18.39
N PRO A 216 12.70 1.22 -18.02
CA PRO A 216 13.03 1.86 -16.74
C PRO A 216 12.51 1.10 -15.52
N LEU A 217 11.78 0.00 -15.71
CA LEU A 217 11.07 -0.57 -14.57
C LEU A 217 12.02 -0.95 -13.42
N PRO A 218 13.24 -1.45 -13.66
CA PRO A 218 14.12 -1.74 -12.52
C PRO A 218 14.42 -0.55 -11.63
N LEU A 219 14.19 0.68 -12.10
CA LEU A 219 14.51 1.87 -11.34
C LEU A 219 13.35 2.34 -10.48
N CYS A 220 12.20 1.71 -10.59
CA CYS A 220 10.94 2.25 -10.11
C CYS A 220 10.32 1.34 -9.07
N ASN A 221 9.45 1.91 -8.25
CA ASN A 221 8.57 1.08 -7.44
C ASN A 221 7.12 1.16 -7.86
N LEU A 222 6.81 1.96 -8.87
CA LEU A 222 5.45 2.12 -9.34
C LEU A 222 5.57 2.50 -10.80
N PHE A 223 4.70 1.93 -11.64
CA PHE A 223 4.64 2.24 -13.06
C PHE A 223 3.20 2.52 -13.44
N GLY A 224 2.94 3.57 -14.21
CA GLY A 224 1.59 3.86 -14.62
C GLY A 224 1.54 4.19 -16.10
N ILE A 225 0.33 4.10 -16.66
CA ILE A 225 0.09 4.46 -18.05
C ILE A 225 -1.09 5.44 -18.09
N GLY A 226 -0.91 6.59 -18.76
CA GLY A 226 -1.98 7.54 -18.96
C GLY A 226 -2.75 7.23 -20.22
N LEU A 227 -4.05 6.98 -20.07
CA LEU A 227 -4.95 6.70 -21.19
C LEU A 227 -5.96 7.83 -21.32
N SER A 228 -5.92 8.54 -22.46
CA SER A 228 -6.92 9.60 -22.57
C SER A 228 -7.14 9.88 -24.05
N PRO A 229 -8.37 10.21 -24.47
CA PRO A 229 -8.55 10.58 -25.88
C PRO A 229 -7.73 11.78 -26.27
N ALA A 230 -7.37 12.62 -25.29
CA ALA A 230 -6.57 13.82 -25.50
C ALA A 230 -5.12 13.52 -25.84
N ASN A 231 -4.64 12.28 -25.57
CA ASN A 231 -3.24 11.96 -25.73
C ASN A 231 -2.97 11.50 -27.15
N GLU A 232 -1.80 11.87 -27.68
CA GLU A 232 -1.37 11.36 -28.99
C GLU A 232 -1.07 9.88 -28.90
N ALA A 233 -0.44 9.45 -27.81
CA ALA A 233 -0.16 8.06 -27.54
C ALA A 233 -0.27 7.89 -26.04
N ASN A 234 -0.24 6.64 -25.59
CA ASN A 234 -0.28 6.47 -24.16
C ASN A 234 0.95 7.13 -23.54
N VAL A 235 0.76 7.69 -22.37
CA VAL A 235 1.82 8.36 -21.64
C VAL A 235 2.32 7.42 -20.57
N LEU A 236 3.63 7.22 -20.51
CA LEU A 236 4.23 6.29 -19.55
C LEU A 236 4.76 7.09 -18.36
N TYR A 237 4.37 6.66 -17.14
CA TYR A 237 4.75 7.28 -15.88
C TYR A 237 5.63 6.32 -15.10
N TYR A 238 6.79 6.80 -14.66
CA TYR A 238 7.74 5.98 -13.91
C TYR A 238 8.02 6.66 -12.59
N HIS A 239 7.80 5.95 -11.48
CA HIS A 239 8.09 6.49 -10.15
C HIS A 239 9.47 6.03 -9.75
N LEU A 240 10.49 6.86 -9.99
CA LEU A 240 11.86 6.45 -9.69
C LEU A 240 12.08 6.38 -8.18
N GLU A 241 12.72 5.32 -7.73
CA GLU A 241 13.01 5.17 -6.29
C GLU A 241 14.07 6.16 -5.81
N ASN A 242 14.95 6.60 -6.71
CA ASN A 242 16.04 7.47 -6.29
C ASN A 242 16.17 8.60 -7.31
N ILE A 243 15.82 9.82 -6.90
CA ILE A 243 15.97 10.97 -7.76
C ILE A 243 17.40 11.03 -8.31
N GLU A 244 18.38 10.54 -7.56
CA GLU A 244 19.76 10.63 -8.06
C GLU A 244 20.00 9.72 -9.25
N ASP A 245 19.14 8.72 -9.50
CA ASP A 245 19.34 7.81 -10.62
C ASP A 245 19.02 8.46 -11.98
N PHE A 246 18.17 9.51 -11.99
CA PHE A 246 17.55 9.99 -13.22
C PHE A 246 18.57 10.26 -14.33
N LEU A 247 19.53 11.15 -14.08
CA LEU A 247 20.42 11.57 -15.17
C LEU A 247 21.34 10.45 -15.66
N SER A 248 21.45 9.32 -14.92
CA SER A 248 22.31 8.21 -15.36
C SER A 248 21.64 7.38 -16.45
N TYR A 249 20.30 7.41 -16.51
CA TYR A 249 19.56 6.50 -17.37
C TYR A 249 18.70 7.15 -18.45
N PHE A 250 18.35 8.42 -18.32
CA PHE A 250 17.51 9.13 -19.28
C PHE A 250 18.30 10.25 -19.94
N PRO A 251 18.38 10.29 -21.25
CA PRO A 251 19.11 11.37 -21.96
C PRO A 251 18.29 12.63 -22.19
N ILE A 252 18.07 13.43 -21.16
CA ILE A 252 17.17 14.56 -21.31
C ILE A 252 17.92 15.79 -21.83
N ASN A 253 17.17 16.72 -22.40
CA ASN A 253 17.78 17.88 -23.02
C ASN A 253 18.13 18.91 -21.95
N ASP A 254 18.73 20.02 -22.38
CA ASP A 254 19.20 21.03 -21.41
C ASP A 254 18.05 21.67 -20.66
N THR A 255 16.91 21.84 -21.33
CA THR A 255 15.76 22.50 -20.70
C THR A 255 15.24 21.65 -19.54
N ALA A 256 15.09 20.35 -19.75
CA ALA A 256 14.69 19.46 -18.68
C ALA A 256 15.77 19.35 -17.62
N ARG A 257 17.04 19.38 -18.02
CA ARG A 257 18.13 19.23 -17.05
C ARG A 257 18.15 20.40 -16.07
N ARG A 258 17.79 21.59 -16.53
CA ARG A 258 17.70 22.74 -15.63
C ARG A 258 16.65 22.53 -14.55
N VAL A 259 15.50 21.94 -14.91
CA VAL A 259 14.47 21.66 -13.90
C VAL A 259 15.02 20.65 -12.90
N HIS A 260 15.59 19.57 -13.42
CA HIS A 260 16.05 18.51 -12.54
C HIS A 260 17.22 18.95 -11.66
N ASP A 261 18.16 19.76 -12.19
CA ASP A 261 19.30 20.18 -11.38
C ASP A 261 18.83 21.03 -10.22
N PHE A 262 17.77 21.82 -10.43
CA PHE A 262 17.23 22.59 -9.31
C PHE A 262 16.62 21.67 -8.25
N TYR A 263 15.86 20.66 -8.68
CA TYR A 263 15.19 19.81 -7.70
C TYR A 263 16.16 18.88 -7.01
N LEU A 264 17.27 18.51 -7.66
CA LEU A 264 18.31 17.80 -6.90
C LEU A 264 18.79 18.58 -5.66
N GLN A 265 18.62 19.91 -5.61
CA GLN A 265 19.05 20.70 -4.47
C GLN A 265 17.94 20.95 -3.46
N GLN A 266 16.73 20.48 -3.70
CA GLN A 266 15.58 20.81 -2.83
C GLN A 266 15.29 19.72 -1.80
N GLU A 267 14.79 20.14 -0.64
CA GLU A 267 14.19 19.24 0.33
C GLU A 267 12.87 18.69 -0.19
N GLY A 268 12.58 17.43 0.11
CA GLY A 268 11.35 16.78 -0.40
C GLY A 268 11.57 15.29 -0.51
N SER A 269 10.73 14.64 -1.33
CA SER A 269 10.79 13.20 -1.49
C SER A 269 12.13 12.79 -2.10
N ARG A 270 12.59 11.59 -1.75
CA ARG A 270 13.72 11.00 -2.47
C ARG A 270 13.28 10.40 -3.81
N ARG A 271 11.99 10.26 -4.02
CA ARG A 271 11.45 9.70 -5.25
C ARG A 271 11.00 10.83 -6.14
N MET A 272 10.74 10.49 -7.40
CA MET A 272 10.25 11.45 -8.38
C MET A 272 9.48 10.68 -9.44
N TRP A 273 8.62 11.39 -10.15
CA TRP A 273 7.97 10.81 -11.31
C TRP A 273 8.56 11.42 -12.58
N VAL A 274 8.64 10.61 -13.62
CA VAL A 274 8.91 11.10 -14.97
C VAL A 274 7.83 10.56 -15.89
N ALA A 275 7.34 11.41 -16.78
CA ALA A 275 6.38 11.01 -17.79
C ALA A 275 6.94 11.25 -19.18
N LEU A 276 6.77 10.27 -20.09
CA LEU A 276 7.34 10.24 -21.43
C LEU A 276 6.42 9.49 -22.39
N SER A 277 6.61 9.71 -23.66
CA SER A 277 5.93 8.91 -24.69
C SER A 277 6.78 7.71 -25.11
N GLU A 278 6.11 6.64 -25.57
CA GLU A 278 6.84 5.45 -26.00
C GLU A 278 7.77 5.76 -27.17
N SER A 279 7.29 6.54 -28.14
CA SER A 279 8.18 6.91 -29.24
C SER A 279 9.41 7.67 -28.74
N GLU A 280 9.21 8.59 -27.81
CA GLU A 280 10.34 9.30 -27.21
C GLU A 280 11.22 8.34 -26.40
N MET A 281 10.83 7.06 -26.33
CA MET A 281 11.69 6.07 -25.70
C MET A 281 12.57 5.36 -26.72
N LYS A 282 12.17 5.36 -27.99
CA LYS A 282 12.98 4.80 -29.08
C LYS A 282 13.77 5.90 -29.78
N ALA A 283 14.55 6.67 -29.03
CA ALA A 283 15.15 7.86 -29.60
C ALA A 283 16.34 8.28 -28.76
N GLY A 284 17.21 9.08 -29.37
CA GLY A 284 18.48 9.47 -28.78
C GLY A 284 18.40 10.51 -27.68
N ARG A 285 17.62 11.57 -27.89
CA ARG A 285 17.48 12.67 -26.94
C ARG A 285 16.02 12.84 -26.58
N ILE A 286 15.72 12.96 -25.30
CA ILE A 286 14.34 13.14 -24.86
C ILE A 286 14.05 14.64 -24.83
N ASN A 287 13.18 15.07 -25.75
CA ASN A 287 12.81 16.47 -25.86
C ASN A 287 11.38 16.77 -25.46
N ASN A 288 10.60 15.76 -25.07
CA ASN A 288 9.24 15.94 -24.55
C ASN A 288 9.11 15.12 -23.28
N VAL A 289 9.07 15.78 -22.13
CA VAL A 289 9.10 15.05 -20.87
C VAL A 289 8.47 15.94 -19.80
N ASN A 290 7.77 15.30 -18.87
CA ASN A 290 7.26 15.94 -17.65
C ASN A 290 8.02 15.38 -16.46
N LEU A 291 8.39 16.26 -15.53
CA LEU A 291 9.11 15.89 -14.32
C LEU A 291 8.31 16.34 -13.10
N TYR A 292 8.11 15.45 -12.14
CA TYR A 292 7.25 15.74 -10.98
C TYR A 292 8.00 15.46 -9.69
N TYR A 293 8.01 16.44 -8.79
CA TYR A 293 8.72 16.37 -7.51
C TYR A 293 7.73 16.72 -6.42
N SER A 294 7.89 16.14 -5.24
CA SER A 294 6.92 16.42 -4.20
C SER A 294 7.57 16.57 -2.83
N LYS A 295 6.76 17.08 -1.90
CA LYS A 295 7.12 17.25 -0.50
C LYS A 295 5.87 17.01 0.31
N ALA A 296 6.02 16.25 1.38
CA ALA A 296 4.93 15.96 2.29
C ALA A 296 4.89 16.95 3.43
N PHE A 297 3.66 17.27 3.86
CA PHE A 297 3.38 18.19 4.96
C PHE A 297 2.46 17.41 5.89
N THR A 298 3.02 16.95 7.02
CA THR A 298 2.27 16.21 8.03
C THR A 298 2.47 16.83 9.40
N SER A 299 1.40 16.89 10.19
CA SER A 299 1.47 17.46 11.54
C SER A 299 1.08 16.39 12.55
N GLN A 300 1.23 16.72 13.84
CA GLN A 300 1.16 15.73 14.91
C GLN A 300 -0.25 15.13 15.06
N ASN A 301 -1.25 15.98 15.19
CA ASN A 301 -2.64 15.56 15.37
C ASN A 301 -3.50 16.17 14.27
N PRO A 302 -3.37 15.68 13.01
CA PRO A 302 -4.20 16.21 11.92
C PRO A 302 -5.65 15.73 12.02
N LYS B 8 -6.84 -18.58 -21.22
CA LYS B 8 -8.12 -19.27 -21.11
C LYS B 8 -9.30 -18.34 -20.90
N VAL B 9 -10.43 -18.81 -21.43
CA VAL B 9 -11.73 -18.21 -21.14
C VAL B 9 -12.27 -18.60 -19.76
N PHE B 10 -11.52 -19.35 -18.97
CA PHE B 10 -11.95 -19.82 -17.67
C PHE B 10 -11.02 -19.30 -16.58
N LYS B 11 -11.55 -19.25 -15.36
CA LYS B 11 -10.72 -18.94 -14.21
C LYS B 11 -9.59 -19.97 -14.09
N SER B 12 -8.37 -19.47 -13.87
CA SER B 12 -7.22 -20.34 -13.67
C SER B 12 -7.07 -20.72 -12.21
N THR B 13 -6.49 -21.90 -11.97
CA THR B 13 -6.33 -22.47 -10.64
C THR B 13 -4.88 -22.89 -10.50
N ILE B 14 -4.19 -22.39 -9.47
CA ILE B 14 -2.83 -22.86 -9.19
C ILE B 14 -2.91 -24.32 -8.75
N ALA B 15 -2.03 -25.14 -9.26
CA ALA B 15 -2.09 -26.55 -8.90
C ALA B 15 -1.82 -26.69 -7.41
N PRO B 16 -2.64 -27.44 -6.68
CA PRO B 16 -2.37 -27.68 -5.25
C PRO B 16 -0.94 -28.12 -4.96
N GLU B 17 -0.38 -28.95 -5.84
CA GLU B 17 0.95 -29.48 -5.57
C GLU B 17 1.99 -28.36 -5.49
N GLU B 18 1.80 -27.26 -6.23
CA GLU B 18 2.74 -26.13 -6.13
C GLU B 18 2.71 -25.55 -4.72
N LYS B 19 1.51 -25.38 -4.16
CA LYS B 19 1.47 -24.80 -2.82
C LYS B 19 1.95 -25.79 -1.76
N LEU B 20 1.59 -27.08 -1.94
CA LEU B 20 2.00 -28.07 -0.95
C LEU B 20 3.48 -28.39 -1.06
N ARG B 21 4.10 -28.15 -2.21
CA ARG B 21 5.55 -28.30 -2.32
C ARG B 21 6.26 -27.40 -1.32
N TYR B 22 5.83 -26.15 -1.26
CA TYR B 22 6.45 -25.20 -0.35
C TYR B 22 6.28 -25.65 1.10
N ILE B 23 5.07 -26.06 1.46
CA ILE B 23 4.83 -26.56 2.80
C ILE B 23 5.64 -27.84 3.03
N GLY B 24 5.74 -28.69 2.01
CA GLY B 24 6.48 -29.93 2.17
C GLY B 24 7.97 -29.68 2.34
N ASN B 25 8.49 -28.65 1.70
CA ASN B 25 9.89 -28.33 1.90
C ASN B 25 10.14 -28.02 3.37
N HIS B 26 9.21 -27.28 3.98
CA HIS B 26 9.32 -26.93 5.39
C HIS B 26 9.22 -28.16 6.27
N LYS B 27 8.22 -29.02 6.00
CA LYS B 27 8.06 -30.21 6.80
C LYS B 27 9.29 -31.08 6.76
N GLN B 28 9.88 -31.22 5.57
CA GLN B 28 11.07 -32.07 5.46
C GLN B 28 12.26 -31.46 6.19
N ALA B 29 12.50 -30.17 5.96
CA ALA B 29 13.67 -29.53 6.54
C ALA B 29 13.66 -29.61 8.07
N PHE B 30 12.49 -29.62 8.70
CA PHE B 30 12.45 -29.60 10.15
C PHE B 30 11.77 -30.83 10.75
N ASP B 31 11.64 -31.89 9.94
CA ASP B 31 11.26 -33.21 10.42
C ASP B 31 9.87 -33.20 11.07
N ILE B 32 8.90 -32.59 10.39
CA ILE B 32 7.54 -32.45 10.92
C ILE B 32 6.73 -33.72 10.66
N GLU B 33 6.29 -34.36 11.73
CA GLU B 33 5.38 -35.50 11.67
C GLU B 33 3.96 -35.02 11.40
N PRO B 34 3.07 -35.90 10.88
CA PRO B 34 1.72 -35.44 10.52
C PRO B 34 0.77 -35.22 11.72
N LEU B 35 1.13 -34.31 12.60
CA LEU B 35 0.33 -33.95 13.76
C LEU B 35 -1.07 -33.48 13.37
N TYR B 36 -2.04 -33.75 14.23
CA TYR B 36 -3.42 -33.30 13.95
C TYR B 36 -3.54 -31.78 14.11
N PRO B 37 -4.24 -31.09 13.21
CA PRO B 37 -4.96 -31.48 12.00
C PRO B 37 -4.17 -31.02 10.77
N LEU B 38 -2.89 -31.40 10.69
CA LEU B 38 -2.11 -30.93 9.55
C LEU B 38 -2.71 -31.43 8.23
N ALA B 39 -3.17 -32.69 8.19
CA ALA B 39 -3.74 -33.21 6.95
C ALA B 39 -4.93 -32.38 6.51
N LEU B 40 -5.82 -32.04 7.45
CA LEU B 40 -6.96 -31.17 7.13
C LEU B 40 -6.51 -29.81 6.60
N PHE B 41 -5.51 -29.22 7.26
CA PHE B 41 -5.03 -27.91 6.83
C PHE B 41 -4.45 -27.96 5.42
N GLU B 42 -3.67 -29.00 5.13
CA GLU B 42 -3.15 -29.19 3.77
C GLU B 42 -4.29 -29.33 2.75
N GLU B 43 -5.36 -30.04 3.13
CA GLU B 43 -6.48 -30.13 2.19
C GLU B 43 -7.17 -28.78 2.03
N PHE B 44 -7.28 -28.00 3.10
CA PHE B 44 -7.75 -26.62 2.97
C PHE B 44 -6.85 -25.82 2.05
N VAL B 45 -5.53 -25.88 2.24
CA VAL B 45 -4.64 -25.12 1.35
C VAL B 45 -4.87 -25.51 -0.11
N ALA B 46 -5.08 -26.80 -0.37
CA ALA B 46 -5.29 -27.26 -1.74
C ALA B 46 -6.54 -26.67 -2.37
N THR B 47 -7.55 -26.31 -1.59
CA THR B 47 -8.79 -25.76 -2.14
C THR B 47 -8.78 -24.24 -2.33
N THR B 48 -7.72 -23.52 -1.95
CA THR B 48 -7.73 -22.06 -2.07
C THR B 48 -7.33 -21.61 -3.46
N GLY B 49 -7.54 -20.33 -3.75
CA GLY B 49 -7.08 -19.73 -5.00
C GLY B 49 -5.70 -19.12 -4.87
N ASP B 50 -5.48 -17.91 -5.38
CA ASP B 50 -4.18 -17.26 -5.19
C ASP B 50 -3.93 -16.97 -3.72
N CYS B 51 -2.69 -17.08 -3.29
CA CYS B 51 -2.44 -16.85 -1.88
C CYS B 51 -0.95 -16.62 -1.68
N ILE B 52 -0.63 -16.19 -0.47
CA ILE B 52 0.74 -16.17 0.04
C ILE B 52 0.80 -17.21 1.14
N ILE B 53 1.82 -18.08 1.12
CA ILE B 53 1.99 -19.03 2.21
C ILE B 53 3.18 -18.58 3.02
N GLU B 54 2.98 -18.48 4.32
CA GLU B 54 4.06 -18.05 5.21
C GLU B 54 4.44 -19.23 6.10
N CYS B 55 5.72 -19.61 6.09
CA CYS B 55 6.18 -20.67 6.98
C CYS B 55 7.04 -20.05 8.06
N SER B 56 7.04 -20.60 9.27
CA SER B 56 7.80 -19.94 10.31
CA SER B 56 7.65 -19.93 10.40
C SER B 56 8.35 -20.96 11.28
N GLY B 57 9.37 -20.50 11.99
CA GLY B 57 9.96 -21.22 13.09
C GLY B 57 9.83 -20.41 14.35
N LYS B 58 9.38 -21.04 15.43
CA LYS B 58 9.51 -20.53 16.79
C LYS B 58 10.70 -21.16 17.49
N ILE B 59 11.65 -20.35 17.95
CA ILE B 59 12.82 -20.86 18.66
C ILE B 59 12.72 -20.46 20.13
N LYS B 60 12.82 -21.46 21.02
CA LYS B 60 12.91 -21.23 22.47
C LYS B 60 14.19 -21.92 22.93
N GLN B 61 15.27 -21.13 23.03
CA GLN B 61 16.60 -21.61 23.37
C GLN B 61 17.03 -22.68 22.36
N ASP B 62 17.18 -23.94 22.78
CA ASP B 62 17.58 -25.04 21.90
C ASP B 62 16.41 -25.80 21.29
N GLN B 63 15.18 -25.33 21.49
CA GLN B 63 14.00 -26.01 21.02
C GLN B 63 13.39 -25.23 19.88
N LEU B 64 13.17 -25.91 18.76
CA LEU B 64 12.49 -25.36 17.60
C LEU B 64 11.07 -25.90 17.53
N TYR B 65 10.09 -25.01 17.38
CA TYR B 65 8.71 -25.38 17.07
C TYR B 65 8.43 -24.95 15.65
N PRO B 66 8.52 -25.83 14.66
CA PRO B 66 8.46 -25.41 13.26
C PRO B 66 7.14 -25.62 12.55
N ALA B 67 6.13 -26.18 13.19
CA ALA B 67 4.91 -26.53 12.47
C ALA B 67 3.94 -25.35 12.50
N ARG B 68 4.42 -24.24 11.93
CA ARG B 68 3.75 -22.93 11.89
C ARG B 68 3.61 -22.51 10.45
N ILE B 69 2.39 -22.53 9.93
CA ILE B 69 2.12 -22.20 8.53
C ILE B 69 0.88 -21.35 8.52
N ASP B 70 0.93 -20.23 7.78
CA ASP B 70 -0.19 -19.32 7.62
C ASP B 70 -0.48 -19.17 6.13
N LEU B 71 -1.75 -19.10 5.76
CA LEU B 71 -2.12 -18.87 4.39
C LEU B 71 -2.83 -17.54 4.34
N GLN B 72 -2.37 -16.64 3.45
CA GLN B 72 -3.04 -15.37 3.21
C GLN B 72 -3.76 -15.39 1.88
N PHE B 73 -5.06 -15.16 1.90
CA PHE B 73 -5.82 -15.12 0.66
C PHE B 73 -5.42 -13.89 -0.15
N SER B 74 -5.17 -14.07 -1.44
CA SER B 74 -4.78 -12.91 -2.24
C SER B 74 -5.96 -12.20 -2.90
N ASP B 75 -7.14 -12.80 -2.95
CA ASP B 75 -8.24 -12.07 -3.54
C ASP B 75 -9.02 -11.32 -2.46
N LYS B 76 -10.03 -10.55 -2.89
CA LYS B 76 -10.84 -9.77 -1.98
C LYS B 76 -12.19 -10.44 -1.70
N HIS B 77 -12.27 -11.77 -1.79
CA HIS B 77 -13.54 -12.44 -1.48
C HIS B 77 -13.68 -12.65 0.02
N HIS B 78 -13.75 -11.55 0.78
CA HIS B 78 -13.41 -11.68 2.21
C HIS B 78 -14.43 -12.53 2.94
N PHE B 79 -15.73 -12.31 2.68
CA PHE B 79 -16.74 -13.06 3.38
C PHE B 79 -16.60 -14.55 3.09
N HIS B 80 -16.42 -14.91 1.83
CA HIS B 80 -16.32 -16.34 1.52
C HIS B 80 -15.03 -16.95 2.03
N ASN B 81 -13.93 -16.15 2.04
CA ASN B 81 -12.65 -16.65 2.55
C ASN B 81 -12.69 -16.84 4.07
N ILE B 82 -13.30 -15.91 4.80
CA ILE B 82 -13.50 -16.12 6.25
C ILE B 82 -14.31 -17.38 6.52
N HIS B 83 -15.38 -17.60 5.75
CA HIS B 83 -16.24 -18.74 6.05
C HIS B 83 -15.60 -20.05 5.67
N THR B 84 -14.78 -20.10 4.61
CA THR B 84 -14.01 -21.31 4.37
CA THR B 84 -14.02 -21.32 4.37
C THR B 84 -12.95 -21.53 5.45
N SER B 85 -12.36 -20.45 5.94
CA SER B 85 -11.38 -20.58 7.01
C SER B 85 -12.05 -21.08 8.29
N ILE B 86 -13.18 -20.48 8.66
CA ILE B 86 -13.93 -20.97 9.82
C ILE B 86 -14.40 -22.42 9.63
N ASP B 87 -14.77 -22.82 8.42
CA ASP B 87 -15.17 -24.22 8.23
C ASP B 87 -14.03 -25.15 8.61
N PHE B 88 -12.79 -24.76 8.27
CA PHE B 88 -11.62 -25.56 8.63
C PHE B 88 -11.49 -25.61 10.13
N LEU B 89 -11.59 -24.45 10.82
CA LEU B 89 -11.50 -24.46 12.28
C LEU B 89 -12.52 -25.40 12.86
N LYS B 90 -13.77 -25.29 12.41
CA LYS B 90 -14.87 -26.06 12.99
C LYS B 90 -14.74 -27.54 12.68
N ARG B 91 -14.29 -27.90 11.48
CA ARG B 91 -14.08 -29.31 11.18
C ARG B 91 -12.96 -29.87 12.05
N ALA B 92 -11.84 -29.15 12.15
CA ALA B 92 -10.75 -29.59 13.04
C ALA B 92 -11.27 -29.82 14.44
N ALA B 93 -12.17 -28.95 14.89
CA ALA B 93 -12.75 -29.00 16.24
C ALA B 93 -13.69 -30.17 16.45
N SER B 94 -14.08 -30.90 15.39
CA SER B 94 -15.07 -31.95 15.53
C SER B 94 -14.52 -33.22 16.18
N ARG B 95 -13.21 -33.42 16.17
CA ARG B 95 -12.68 -34.64 16.78
C ARG B 95 -12.90 -34.58 18.29
N THR B 96 -13.29 -35.70 18.88
CA THR B 96 -13.81 -35.57 20.25
C THR B 96 -12.73 -35.30 21.29
N ASP B 97 -11.45 -35.47 20.96
CA ASP B 97 -10.42 -35.18 21.95
C ASP B 97 -9.95 -33.74 21.88
N VAL B 98 -10.44 -32.99 20.91
CA VAL B 98 -10.20 -31.57 20.76
C VAL B 98 -11.30 -30.79 21.45
N ASN B 99 -10.97 -29.62 22.03
CA ASN B 99 -12.00 -28.82 22.71
C ASN B 99 -11.81 -27.35 22.38
N LEU B 100 -11.98 -27.02 21.11
CA LEU B 100 -11.79 -25.65 20.61
C LEU B 100 -12.90 -24.70 21.08
N ASN B 101 -12.52 -23.47 21.40
CA ASN B 101 -13.47 -22.48 21.91
C ASN B 101 -13.41 -21.26 20.99
N LEU B 102 -14.39 -21.13 20.09
CA LEU B 102 -14.44 -19.98 19.18
C LEU B 102 -15.25 -18.80 19.75
N ASP B 103 -15.57 -18.83 21.06
CA ASP B 103 -16.41 -17.79 21.65
C ASP B 103 -15.93 -16.39 21.29
N ILE B 104 -14.61 -16.13 21.40
CA ILE B 104 -14.14 -14.75 21.17
C ILE B 104 -14.30 -14.36 19.71
N LEU B 105 -14.19 -15.31 18.79
CA LEU B 105 -14.45 -14.97 17.38
C LEU B 105 -15.93 -14.73 17.13
N ALA B 106 -16.81 -15.52 17.75
CA ALA B 106 -18.25 -15.26 17.59
C ALA B 106 -18.60 -13.88 18.08
N THR B 107 -18.00 -13.47 19.20
CA THR B 107 -18.20 -12.11 19.71
C THR B 107 -17.75 -11.07 18.69
N PHE B 108 -16.56 -11.25 18.11
CA PHE B 108 -16.04 -10.27 17.16
C PHE B 108 -16.90 -10.20 15.90
N LEU B 109 -17.41 -11.36 15.42
CA LEU B 109 -18.22 -11.35 14.22
C LEU B 109 -19.70 -11.09 14.50
N ALA B 110 -20.10 -10.87 15.74
CA ALA B 110 -21.52 -10.84 16.10
C ALA B 110 -22.27 -9.67 15.45
N GLY B 111 -23.57 -9.87 15.22
CA GLY B 111 -24.40 -8.81 14.66
C GLY B 111 -24.23 -8.71 13.15
N ASN B 112 -24.43 -7.50 12.62
CA ASN B 112 -24.35 -7.27 11.17
C ASN B 112 -22.94 -6.83 10.80
N PHE B 113 -22.03 -7.80 10.72
CA PHE B 113 -20.62 -7.51 10.46
C PHE B 113 -20.42 -7.05 9.02
N ASP B 114 -19.72 -5.94 8.83
CA ASP B 114 -19.56 -5.35 7.50
C ASP B 114 -18.30 -5.91 6.88
N TYR B 115 -18.47 -6.89 6.00
CA TYR B 115 -17.32 -7.54 5.38
C TYR B 115 -16.66 -6.69 4.33
N SER B 116 -17.29 -5.57 3.92
CA SER B 116 -16.59 -4.64 3.01
C SER B 116 -15.50 -3.84 3.72
N LYS B 117 -15.47 -3.83 5.05
CA LYS B 117 -14.43 -3.19 5.85
C LYS B 117 -13.23 -4.11 6.08
N VAL B 118 -13.31 -5.36 5.63
CA VAL B 118 -12.20 -6.28 5.79
C VAL B 118 -11.16 -6.00 4.72
N GLN B 119 -9.89 -6.11 5.07
CA GLN B 119 -8.84 -5.87 4.10
C GLN B 119 -7.99 -7.10 3.80
N ASN B 120 -7.81 -7.99 4.77
CA ASN B 120 -7.02 -9.22 4.63
C ASN B 120 -7.52 -10.30 5.57
N ILE B 121 -7.43 -11.55 5.10
CA ILE B 121 -7.80 -12.75 5.86
C ILE B 121 -6.62 -13.70 5.78
N LEU B 122 -6.18 -14.19 6.94
CA LEU B 122 -5.24 -15.32 7.00
C LEU B 122 -5.78 -16.44 7.88
N ALA B 123 -5.43 -17.69 7.54
CA ALA B 123 -5.73 -18.85 8.39
C ALA B 123 -4.46 -19.67 8.58
N GLY B 124 -4.31 -20.28 9.75
CA GLY B 124 -3.07 -21.02 9.89
C GLY B 124 -3.07 -21.96 11.06
N ILE B 125 -1.90 -22.55 11.27
CA ILE B 125 -1.69 -23.51 12.35
C ILE B 125 -0.37 -23.18 13.07
N ASP B 126 -0.26 -23.68 14.32
CA ASP B 126 1.04 -23.84 15.04
C ASP B 126 0.93 -25.11 15.87
N LEU B 127 1.44 -26.22 15.34
CA LEU B 127 1.15 -27.52 15.95
C LEU B 127 2.31 -28.06 16.75
N ARG B 128 1.97 -28.81 17.79
CA ARG B 128 2.91 -29.37 18.75
C ARG B 128 2.68 -30.86 18.96
N GLN B 129 3.71 -31.56 19.43
CA GLN B 129 3.56 -32.96 19.78
C GLN B 129 2.50 -33.15 20.86
N ASN B 130 2.39 -32.20 21.78
CA ASN B 130 1.33 -32.22 22.78
C ASN B 130 0.08 -31.59 22.18
N LEU B 131 -0.94 -32.43 21.97
CA LEU B 131 -2.10 -31.99 21.20
C LEU B 131 -2.70 -30.72 21.77
N GLY B 132 -2.85 -30.65 23.10
CA GLY B 132 -3.54 -29.53 23.69
C GLY B 132 -2.78 -28.23 23.53
N GLU B 133 -1.46 -28.28 23.36
CA GLU B 133 -0.72 -27.04 23.13
C GLU B 133 -0.69 -26.61 21.69
N SER B 134 -1.24 -27.40 20.77
CA SER B 134 -1.32 -26.99 19.39
C SER B 134 -2.37 -25.90 19.26
N LYS B 135 -2.24 -25.08 18.25
CA LYS B 135 -3.27 -24.07 18.06
C LYS B 135 -3.57 -23.84 16.59
N LEU B 136 -4.81 -23.46 16.34
CA LEU B 136 -5.23 -22.97 15.04
C LEU B 136 -5.34 -21.44 15.10
N LYS B 137 -5.19 -20.81 13.95
CA LYS B 137 -5.07 -19.36 13.89
C LYS B 137 -5.95 -18.75 12.82
N LEU B 138 -6.54 -17.59 13.10
CA LEU B 138 -7.27 -16.82 12.11
C LEU B 138 -6.91 -15.34 12.30
N PHE B 139 -6.69 -14.64 11.19
CA PHE B 139 -6.34 -13.22 11.23
C PHE B 139 -7.32 -12.49 10.34
N ILE B 140 -7.73 -11.30 10.79
CA ILE B 140 -8.64 -10.46 10.03
C ILE B 140 -8.08 -9.06 10.19
N ARG B 141 -7.79 -8.39 9.08
CA ARG B 141 -7.40 -6.99 9.12
C ARG B 141 -8.62 -6.21 8.71
N ILE B 142 -8.98 -5.18 9.48
CA ILE B 142 -10.13 -4.35 9.17
C ILE B 142 -9.63 -2.92 9.04
N GLY B 143 -10.46 -2.08 8.45
CA GLY B 143 -10.12 -0.67 8.35
C GLY B 143 -11.36 0.18 8.45
N ASP B 144 -11.18 1.38 9.03
CA ASP B 144 -12.23 2.38 9.12
C ASP B 144 -13.51 1.79 9.69
N TYR B 145 -13.40 1.01 10.76
CA TYR B 145 -14.52 0.26 11.31
C TYR B 145 -14.60 0.49 12.81
N PRO B 146 -15.11 1.67 13.21
CA PRO B 146 -15.13 2.03 14.65
C PRO B 146 -15.69 0.98 15.58
N ALA B 147 -16.87 0.44 15.25
CA ALA B 147 -17.54 -0.48 16.14
C ALA B 147 -16.69 -1.72 16.42
N LYS B 148 -16.16 -2.34 15.37
CA LYS B 148 -15.46 -3.58 15.59
C LYS B 148 -14.02 -3.36 16.03
N MET B 149 -13.45 -2.18 15.75
CA MET B 149 -12.19 -1.84 16.41
C MET B 149 -12.38 -1.75 17.91
N ALA B 150 -13.54 -1.25 18.35
CA ALA B 150 -13.78 -1.14 19.79
C ALA B 150 -14.00 -2.52 20.42
N VAL B 151 -14.77 -3.39 19.76
CA VAL B 151 -14.93 -4.77 20.23
C VAL B 151 -13.57 -5.44 20.36
N ALA B 152 -12.74 -5.32 19.34
CA ALA B 152 -11.43 -5.96 19.39
C ALA B 152 -10.60 -5.48 20.56
N LYS B 153 -10.61 -4.16 20.80
CA LYS B 153 -9.87 -3.61 21.91
C LYS B 153 -10.41 -4.13 23.25
N HIS B 154 -11.73 -4.24 23.38
CA HIS B 154 -12.32 -4.77 24.62
C HIS B 154 -11.91 -6.23 24.85
N LEU B 155 -11.96 -7.06 23.81
CA LEU B 155 -11.53 -8.44 23.91
C LEU B 155 -10.05 -8.56 24.27
N CYS B 156 -9.27 -7.56 23.89
CA CYS B 156 -7.83 -7.54 24.12
C CYS B 156 -7.45 -6.91 25.44
N ASN B 157 -8.41 -6.38 26.19
CA ASN B 157 -8.18 -5.67 27.44
C ASN B 157 -7.13 -4.56 27.29
N ILE B 158 -7.42 -3.65 26.35
CA ILE B 158 -6.43 -2.66 25.91
C ILE B 158 -6.07 -1.66 27.03
N THR B 159 -7.06 -0.98 27.64
CA THR B 159 -6.83 0.02 28.70
C THR B 159 -6.03 1.24 28.20
N PRO B 160 -5.76 2.27 29.01
CA PRO B 160 -5.12 3.49 28.44
C PRO B 160 -3.75 3.25 27.82
N GLU B 161 -2.82 2.62 28.54
CA GLU B 161 -1.52 2.30 27.96
C GLU B 161 -1.66 1.14 26.99
N SER B 162 -1.16 1.35 25.77
CA SER B 162 -1.31 0.52 24.57
C SER B 162 -2.46 0.99 23.69
N GLU B 163 -3.43 1.75 24.24
CA GLU B 163 -4.43 2.31 23.33
C GLU B 163 -3.82 3.38 22.45
N ALA B 164 -2.86 4.15 22.99
CA ALA B 164 -2.13 5.14 22.21
C ALA B 164 -1.48 4.53 20.99
N MET B 165 -1.20 3.22 21.00
CA MET B 165 -0.48 2.58 19.92
C MET B 165 -1.36 2.11 18.76
N LEU B 166 -2.67 2.28 18.83
CA LEU B 166 -3.55 1.80 17.77
C LEU B 166 -3.97 2.95 16.86
N ARG B 167 -4.03 2.68 15.55
CA ARG B 167 -4.53 3.65 14.58
C ARG B 167 -5.96 3.30 14.18
N SER B 168 -6.63 4.23 13.49
CA SER B 168 -8.02 3.99 13.16
C SER B 168 -8.23 3.56 11.71
N ASP B 169 -7.26 3.81 10.83
CA ASP B 169 -7.45 3.46 9.43
C ASP B 169 -7.34 1.98 9.17
N THR B 170 -6.61 1.22 10.00
CA THR B 170 -6.45 -0.21 9.77
C THR B 170 -5.99 -0.88 11.06
N LEU B 171 -6.47 -2.10 11.31
CA LEU B 171 -6.03 -2.89 12.47
C LEU B 171 -5.97 -4.37 12.09
N HIS B 172 -4.79 -4.97 12.20
CA HIS B 172 -4.60 -6.41 12.00
C HIS B 172 -4.90 -7.13 13.31
N ILE B 173 -5.82 -8.10 13.28
CA ILE B 173 -6.28 -8.77 14.48
C ILE B 173 -6.05 -10.26 14.33
N GLY B 174 -5.46 -10.90 15.34
CA GLY B 174 -5.19 -12.35 15.30
C GLY B 174 -6.01 -13.04 16.36
N PHE B 175 -6.49 -14.23 16.03
CA PHE B 175 -7.16 -15.11 16.99
C PHE B 175 -6.37 -16.40 17.08
N ASP B 176 -6.09 -16.84 18.30
CA ASP B 176 -5.42 -18.13 18.55
C ASP B 176 -6.44 -19.05 19.24
N PHE B 177 -6.58 -20.28 18.73
CA PHE B 177 -7.48 -21.25 19.31
C PHE B 177 -6.68 -22.51 19.60
N TYR B 178 -6.34 -22.70 20.88
CA TYR B 178 -5.63 -23.88 21.33
C TYR B 178 -6.54 -25.10 21.33
N LEU B 179 -5.95 -26.27 21.05
CA LEU B 179 -6.80 -27.45 20.97
C LEU B 179 -7.31 -27.87 22.34
N ASP B 180 -6.69 -27.41 23.45
CA ASP B 180 -7.23 -27.69 24.78
C ASP B 180 -8.28 -26.66 25.22
N GLY B 181 -8.64 -25.70 24.38
CA GLY B 181 -9.71 -24.78 24.71
C GLY B 181 -9.25 -23.36 25.07
N ARG B 182 -7.95 -23.13 25.26
CA ARG B 182 -7.48 -21.75 25.43
C ARG B 182 -7.74 -20.94 24.18
N SER B 183 -8.00 -19.65 24.36
CA SER B 183 -8.14 -18.78 23.21
CA SER B 183 -8.19 -18.78 23.21
C SER B 183 -7.69 -17.39 23.59
N ALA B 184 -7.21 -16.66 22.60
CA ALA B 184 -6.77 -15.30 22.89
C ALA B 184 -6.87 -14.49 21.63
N ILE B 185 -7.11 -13.18 21.82
CA ILE B 185 -7.02 -12.23 20.72
C ILE B 185 -5.69 -11.48 20.81
N GLU B 186 -5.14 -11.11 19.65
CA GLU B 186 -3.95 -10.25 19.62
C GLU B 186 -4.16 -9.11 18.61
N LEU B 187 -3.75 -7.88 18.98
CA LEU B 187 -3.82 -6.75 18.07
C LEU B 187 -2.40 -6.42 17.64
N TYR B 188 -2.22 -6.12 16.36
CA TYR B 188 -0.88 -5.84 15.82
C TYR B 188 -0.82 -4.47 15.15
N PRO B 189 -0.81 -3.40 15.92
CA PRO B 189 -0.63 -2.08 15.30
C PRO B 189 0.72 -2.01 14.60
N GLU B 190 0.76 -1.27 13.49
CA GLU B 190 1.95 -1.25 12.67
C GLU B 190 2.18 0.15 12.16
N LEU B 191 3.46 0.41 11.82
CA LEU B 191 3.86 1.65 11.15
C LEU B 191 4.69 1.30 9.93
N LYS B 192 4.41 1.95 8.82
CA LYS B 192 5.15 1.80 7.59
C LYS B 192 6.39 2.69 7.65
N LYS B 193 7.37 2.37 6.81
CA LYS B 193 8.65 3.07 6.81
C LYS B 193 8.46 4.58 6.69
N ASP B 194 7.60 5.02 5.78
CA ASP B 194 7.46 6.43 5.55
C ASP B 194 6.89 7.17 6.75
N GLU B 195 6.21 6.46 7.66
CA GLU B 195 5.67 6.98 8.89
C GLU B 195 6.67 6.96 10.04
N PHE B 196 7.32 5.83 10.28
CA PHE B 196 8.20 5.80 11.44
C PHE B 196 9.49 6.56 11.20
N ASN B 197 9.77 6.96 9.96
CA ASN B 197 10.91 7.80 9.65
C ASN B 197 10.53 9.27 9.76
N HIS B 198 9.26 9.54 10.10
CA HIS B 198 8.87 10.92 10.28
C HIS B 198 9.17 11.35 11.71
N PRO B 199 9.80 12.51 11.92
CA PRO B 199 10.20 12.87 13.30
C PRO B 199 9.02 12.96 14.27
N PHE B 200 7.85 13.42 13.82
CA PHE B 200 6.70 13.51 14.73
C PHE B 200 6.34 12.14 15.28
N ILE B 201 6.41 11.11 14.46
CA ILE B 201 6.06 9.78 14.92
C ILE B 201 7.22 9.12 15.66
N TYR B 202 8.45 9.29 15.16
CA TYR B 202 9.60 8.69 15.83
C TYR B 202 9.72 9.21 17.26
N ASN B 203 9.42 10.50 17.47
CA ASN B 203 9.57 11.07 18.80
C ASN B 203 8.51 10.53 19.74
N GLN B 204 7.30 10.27 19.23
CA GLN B 204 6.36 9.48 20.01
C GLN B 204 6.92 8.11 20.33
N LEU B 205 7.50 7.41 19.34
CA LEU B 205 7.94 6.05 19.62
C LEU B 205 8.99 6.01 20.73
N LYS B 206 9.80 7.08 20.84
CA LYS B 206 10.85 7.11 21.86
C LYS B 206 10.28 7.11 23.26
N THR B 207 9.06 7.61 23.45
CA THR B 207 8.48 7.68 24.78
C THR B 207 7.88 6.35 25.24
N ILE B 208 7.61 5.43 24.31
CA ILE B 208 7.02 4.14 24.68
C ILE B 208 7.96 2.97 24.45
N LEU B 209 9.03 3.14 23.68
CA LEU B 209 9.91 2.03 23.35
C LEU B 209 11.37 2.43 23.55
N SER B 210 12.17 1.47 23.98
CA SER B 210 13.56 1.73 24.26
C SER B 210 14.32 1.93 22.95
N PRO B 211 15.48 2.62 23.02
CA PRO B 211 16.35 2.72 21.85
C PRO B 211 16.67 1.37 21.24
N GLU B 212 16.85 0.36 22.10
CA GLU B 212 17.15 -0.98 21.60
C GLU B 212 16.02 -1.49 20.72
N ALA B 213 14.79 -1.25 21.13
CA ALA B 213 13.70 -1.72 20.29
C ALA B 213 13.63 -0.97 18.97
N LEU B 214 14.16 0.24 18.92
CA LEU B 214 14.02 1.01 17.70
C LEU B 214 15.18 0.77 16.76
N LYS B 215 16.23 0.05 17.19
CA LYS B 215 17.45 -0.05 16.38
C LYS B 215 17.20 -0.66 15.01
N PRO B 216 16.36 -1.68 14.84
CA PRO B 216 16.27 -2.34 13.53
C PRO B 216 15.49 -1.56 12.49
N LEU B 217 14.82 -0.48 12.88
CA LEU B 217 13.97 0.23 11.92
C LEU B 217 14.67 0.57 10.60
N PRO B 218 15.93 1.03 10.54
CA PRO B 218 16.52 1.28 9.21
C PRO B 218 16.52 0.09 8.28
N LEU B 219 16.44 -1.14 8.80
CA LEU B 219 16.45 -2.34 7.99
C LEU B 219 15.08 -2.75 7.48
N CYS B 220 14.02 -2.05 7.91
CA CYS B 220 12.63 -2.51 7.76
C CYS B 220 11.82 -1.59 6.90
N ASN B 221 10.74 -2.12 6.35
CA ASN B 221 9.72 -1.27 5.73
C ASN B 221 8.40 -1.28 6.47
N LEU B 222 8.31 -2.05 7.52
CA LEU B 222 7.12 -2.14 8.35
C LEU B 222 7.58 -2.57 9.72
N PHE B 223 6.94 -2.05 10.78
CA PHE B 223 7.25 -2.34 12.18
C PHE B 223 5.93 -2.54 12.87
N GLY B 224 5.83 -3.57 13.71
CA GLY B 224 4.59 -3.81 14.44
C GLY B 224 4.85 -4.23 15.87
N ILE B 225 3.79 -4.10 16.68
CA ILE B 225 3.82 -4.56 18.06
C ILE B 225 2.61 -5.46 18.27
N GLY B 226 2.84 -6.65 18.83
CA GLY B 226 1.73 -7.54 19.19
C GLY B 226 1.30 -7.28 20.62
N LEU B 227 0.00 -7.00 20.78
CA LEU B 227 -0.61 -6.74 22.07
C LEU B 227 -1.65 -7.83 22.37
N SER B 228 -1.49 -8.54 23.51
CA SER B 228 -2.44 -9.63 23.79
C SER B 228 -2.42 -9.92 25.27
N PRO B 229 -3.56 -10.30 25.85
CA PRO B 229 -3.53 -10.77 27.25
C PRO B 229 -2.70 -12.04 27.39
N ALA B 230 -2.41 -12.72 26.29
CA ALA B 230 -1.69 -13.97 26.38
C ALA B 230 -0.19 -13.77 26.21
N ASN B 231 0.26 -12.53 26.05
CA ASN B 231 1.69 -12.24 25.94
C ASN B 231 2.25 -11.87 27.31
N GLU B 232 3.38 -12.49 27.68
CA GLU B 232 4.08 -12.06 28.89
C GLU B 232 4.62 -10.65 28.76
N ALA B 233 5.00 -10.24 27.56
CA ALA B 233 5.31 -8.85 27.26
C ALA B 233 4.96 -8.62 25.79
N ASN B 234 4.87 -7.34 25.39
CA ASN B 234 4.56 -7.04 24.00
C ASN B 234 5.61 -7.66 23.07
N VAL B 235 5.19 -8.05 21.89
CA VAL B 235 6.06 -8.72 20.94
C VAL B 235 6.38 -7.75 19.82
N LEU B 236 7.65 -7.57 19.52
CA LEU B 236 8.04 -6.60 18.50
C LEU B 236 8.25 -7.33 17.20
N TYR B 237 7.65 -6.83 16.11
CA TYR B 237 7.73 -7.43 14.79
C TYR B 237 8.47 -6.52 13.82
N TYR B 238 9.47 -7.06 13.11
CA TYR B 238 10.28 -6.26 12.19
C TYR B 238 10.22 -6.89 10.80
N HIS B 239 9.75 -6.12 9.82
CA HIS B 239 9.66 -6.64 8.45
C HIS B 239 10.93 -6.24 7.69
N LEU B 240 11.92 -7.13 7.63
CA LEU B 240 13.18 -6.73 7.01
C LEU B 240 13.01 -6.68 5.50
N GLU B 241 13.60 -5.66 4.88
CA GLU B 241 13.54 -5.55 3.43
C GLU B 241 14.43 -6.55 2.73
N ASN B 242 15.44 -7.10 3.40
CA ASN B 242 16.42 -7.94 2.72
C ASN B 242 16.81 -9.09 3.63
N ILE B 243 16.35 -10.30 3.29
CA ILE B 243 16.64 -11.48 4.11
C ILE B 243 18.15 -11.62 4.32
N GLU B 244 18.96 -11.13 3.38
CA GLU B 244 20.40 -11.28 3.50
C GLU B 244 21.02 -10.32 4.52
N ASP B 245 20.26 -9.34 5.01
CA ASP B 245 20.77 -8.45 6.05
C ASP B 245 20.73 -9.09 7.44
N PHE B 246 19.83 -10.08 7.65
CA PHE B 246 19.48 -10.54 9.00
C PHE B 246 20.70 -10.86 9.88
N LEU B 247 21.54 -11.79 9.42
CA LEU B 247 22.65 -12.27 10.26
C LEU B 247 23.73 -11.22 10.46
N SER B 248 23.72 -10.14 9.67
CA SER B 248 24.68 -9.07 9.87
C SER B 248 24.37 -8.24 11.08
N TYR B 249 23.08 -8.24 11.50
CA TYR B 249 22.59 -7.27 12.48
C TYR B 249 21.96 -7.89 13.72
N PHE B 250 21.51 -9.16 13.66
CA PHE B 250 20.89 -9.85 14.79
C PHE B 250 21.75 -11.01 15.26
N PRO B 251 22.16 -11.07 16.53
CA PRO B 251 23.01 -12.19 17.03
C PRO B 251 22.15 -13.38 17.47
N ILE B 252 21.73 -14.20 16.53
CA ILE B 252 20.81 -15.29 16.86
C ILE B 252 21.57 -16.57 17.20
N ASN B 253 20.89 -17.45 17.93
CA ASN B 253 21.59 -18.65 18.39
C ASN B 253 21.59 -19.68 17.24
N ASP B 254 22.28 -20.81 17.50
CA ASP B 254 22.46 -21.82 16.47
C ASP B 254 21.16 -22.49 16.08
N THR B 255 20.21 -22.63 17.00
CA THR B 255 18.92 -23.22 16.62
C THR B 255 18.19 -22.35 15.61
N ALA B 256 18.17 -21.04 15.87
CA ALA B 256 17.50 -20.12 14.95
C ALA B 256 18.29 -20.00 13.66
N ARG B 257 19.61 -20.16 13.73
CA ARG B 257 20.42 -19.97 12.53
C ARG B 257 20.22 -21.13 11.57
N ARG B 258 19.98 -22.34 12.08
CA ARG B 258 19.69 -23.46 11.18
C ARG B 258 18.39 -23.24 10.42
N VAL B 259 17.40 -22.59 11.04
CA VAL B 259 16.19 -22.26 10.30
C VAL B 259 16.48 -21.21 9.24
N HIS B 260 17.16 -20.14 9.62
CA HIS B 260 17.44 -19.07 8.66
C HIS B 260 18.37 -19.52 7.54
N ASP B 261 19.39 -20.34 7.87
CA ASP B 261 20.29 -20.89 6.86
C ASP B 261 19.53 -21.68 5.82
N PHE B 262 18.51 -22.41 6.24
CA PHE B 262 17.69 -23.14 5.29
C PHE B 262 16.92 -22.18 4.38
N TYR B 263 16.33 -21.14 4.96
CA TYR B 263 15.51 -20.22 4.17
C TYR B 263 16.33 -19.34 3.26
N LEU B 264 17.61 -19.07 3.61
CA LEU B 264 18.48 -18.39 2.67
C LEU B 264 18.64 -19.17 1.36
N GLN B 265 18.39 -20.50 1.35
CA GLN B 265 18.49 -21.29 0.13
C GLN B 265 17.16 -21.48 -0.57
N GLN B 266 16.06 -21.01 -0.02
CA GLN B 266 14.78 -21.29 -0.65
C GLN B 266 14.37 -20.19 -1.62
N GLU B 267 13.51 -20.56 -2.57
CA GLU B 267 12.77 -19.59 -3.36
C GLU B 267 11.65 -18.95 -2.53
N GLY B 268 11.38 -17.66 -2.74
CA GLY B 268 10.29 -16.98 -2.03
C GLY B 268 10.60 -15.49 -1.93
N SER B 269 9.92 -14.81 -1.02
CA SER B 269 10.11 -13.36 -0.84
C SER B 269 11.57 -13.03 -0.49
N ARG B 270 12.03 -11.85 -0.92
CA ARG B 270 13.29 -11.33 -0.40
C ARG B 270 13.12 -10.70 0.99
N ARG B 271 11.88 -10.50 1.43
CA ARG B 271 11.63 -9.93 2.74
C ARG B 271 11.33 -11.05 3.74
N MET B 272 11.46 -10.71 5.03
CA MET B 272 11.17 -11.68 6.09
C MET B 272 10.68 -10.93 7.31
N TRP B 273 10.02 -11.63 8.22
CA TRP B 273 9.69 -11.05 9.51
C TRP B 273 10.52 -11.71 10.59
N VAL B 274 10.85 -10.91 11.61
CA VAL B 274 11.41 -11.47 12.84
C VAL B 274 10.61 -10.91 14.00
N ALA B 275 10.36 -11.73 14.99
CA ALA B 275 9.59 -11.30 16.15
C ALA B 275 10.36 -11.62 17.40
N LEU B 276 10.42 -10.65 18.33
CA LEU B 276 11.19 -10.80 19.57
C LEU B 276 10.60 -9.92 20.65
N SER B 277 10.98 -10.23 21.88
CA SER B 277 10.63 -9.37 23.00
C SER B 277 11.66 -8.23 23.13
N GLU B 278 11.22 -7.11 23.69
CA GLU B 278 12.14 -5.99 23.94
C GLU B 278 13.32 -6.41 24.81
N SER B 279 13.07 -7.18 25.87
CA SER B 279 14.18 -7.66 26.66
C SER B 279 15.13 -8.56 25.86
N GLU B 280 14.61 -9.33 24.89
CA GLU B 280 15.50 -10.14 24.04
C GLU B 280 16.33 -9.26 23.09
N MET B 281 15.82 -8.06 22.77
CA MET B 281 16.58 -7.08 22.00
C MET B 281 17.67 -6.43 22.82
N LYS B 282 17.62 -6.55 24.15
CA LYS B 282 18.67 -6.05 25.03
C LYS B 282 19.55 -7.17 25.55
N ALA B 283 19.45 -8.37 24.95
CA ALA B 283 19.92 -9.62 25.57
C ALA B 283 21.33 -10.03 25.18
N GLY B 284 21.82 -9.62 24.00
CA GLY B 284 23.19 -10.00 23.63
C GLY B 284 23.33 -11.13 22.63
N ARG B 285 22.73 -12.28 22.92
CA ARG B 285 22.50 -13.35 21.96
C ARG B 285 21.02 -13.67 22.02
N ILE B 286 20.36 -13.68 20.87
CA ILE B 286 18.93 -13.83 20.85
C ILE B 286 18.64 -15.33 20.93
N ASN B 287 17.91 -15.74 21.97
CA ASN B 287 17.59 -17.14 22.17
C ASN B 287 16.11 -17.44 22.05
N ASN B 288 15.24 -16.45 22.09
CA ASN B 288 13.80 -16.62 21.92
C ASN B 288 13.33 -15.71 20.80
N VAL B 289 12.95 -16.30 19.67
CA VAL B 289 12.71 -15.50 18.47
C VAL B 289 11.84 -16.32 17.53
N ASN B 290 10.97 -15.64 16.79
CA ASN B 290 10.19 -16.24 15.72
C ASN B 290 10.67 -15.69 14.40
N LEU B 291 10.79 -16.54 13.40
CA LEU B 291 11.26 -16.17 12.07
C LEU B 291 10.20 -16.57 11.07
N TYR B 292 9.81 -15.67 10.18
CA TYR B 292 8.73 -15.95 9.24
C TYR B 292 9.18 -15.66 7.81
N TYR B 293 8.93 -16.61 6.92
CA TYR B 293 9.31 -16.52 5.52
C TYR B 293 8.09 -16.79 4.65
N SER B 294 8.07 -16.26 3.42
CA SER B 294 6.87 -16.47 2.63
C SER B 294 7.17 -16.65 1.16
N LYS B 295 6.16 -17.17 0.45
CA LYS B 295 6.18 -17.26 -0.98
C LYS B 295 4.81 -16.95 -1.55
N ALA B 296 4.77 -16.18 -2.65
CA ALA B 296 3.50 -15.84 -3.30
C ALA B 296 3.15 -16.85 -4.38
N PHE B 297 1.86 -17.12 -4.49
CA PHE B 297 1.32 -18.03 -5.51
C PHE B 297 0.26 -17.25 -6.28
N THR B 298 0.59 -16.82 -7.50
CA THR B 298 -0.32 -15.98 -8.26
C THR B 298 -0.53 -16.57 -9.63
N SER B 299 -1.75 -16.48 -10.14
CA SER B 299 -2.05 -17.06 -11.44
C SER B 299 -2.66 -16.02 -12.38
N GLN B 300 -2.85 -16.46 -13.64
CA GLN B 300 -3.24 -15.60 -14.77
C GLN B 300 -4.63 -14.99 -14.64
N ASN B 301 -5.62 -15.82 -14.35
CA ASN B 301 -7.02 -15.38 -14.33
C ASN B 301 -7.68 -15.81 -13.01
N PRO B 302 -7.15 -15.35 -11.86
CA PRO B 302 -7.80 -15.73 -10.60
C PRO B 302 -9.20 -15.13 -10.43
MG MG C . -2.58 13.98 -18.91
PA GST D . -0.62 14.93 -16.37
O1A GST D . -1.71 14.07 -17.00
O2A GST D . -1.20 15.94 -15.39
O3A GST D . 0.45 14.00 -15.77
O1B GST D . 0.22 15.66 -17.57
PB GST D . -0.34 16.34 -18.96
O2B GST D . -0.42 17.81 -18.69
O3B GST D . -1.52 15.60 -19.50
S1 GST D . 1.20 16.26 -20.44
C1 GST D . 1.18 14.51 -21.05
C2 GST D . 2.51 14.31 -21.82
C3 GST D . 3.77 13.88 -21.87
C10 GST D . 4.46 13.15 -20.72
C4 GST D . 4.83 14.03 -22.99
C5 GST D . 5.07 12.72 -23.78
C6 GST D . 3.80 11.88 -24.02
C7 GST D . 3.24 11.92 -25.25
C9 GST D . 3.90 12.81 -26.33
C8 GST D . 1.96 11.09 -25.58
C1 BTB E . 1.09 8.48 -11.84
O1 BTB E . 0.20 7.54 -12.48
C2 BTB E . 0.39 9.51 -10.90
C3 BTB E . -0.99 8.91 -10.57
O3 BTB E . -0.76 8.11 -9.42
C4 BTB E . 1.14 9.73 -9.57
O4 BTB E . 0.52 10.71 -8.76
N BTB E . 0.36 10.87 -11.41
C5 BTB E . -0.94 11.09 -12.17
C6 BTB E . -0.86 12.09 -13.34
O6 BTB E . -0.35 13.36 -13.03
C7 BTB E . 1.65 11.17 -12.04
C8 BTB E . 2.50 12.17 -11.24
O8 BTB E . 1.62 13.17 -10.80
MG MG F . 0.96 -14.06 19.08
PA GST G . 2.30 -14.99 16.24
O1A GST G . 1.58 -15.96 15.36
O2A GST G . 1.38 -14.09 17.00
O3A GST G . 3.27 -14.09 15.48
O1B GST G . 3.29 -15.80 17.23
PB GST G . 3.03 -16.47 18.67
O2B GST G . 2.00 -15.71 19.47
O3B GST G . 2.67 -17.91 18.43
S1 GST G . 4.80 -16.44 19.83
C1 GST G . 5.07 -14.68 20.24
C2 GST G . 6.49 -14.54 20.85
C3 GST G . 7.82 -14.33 20.73
C10 GST G . 8.51 -14.05 19.38
C4 GST G . 8.93 -14.29 21.81
C5 GST G . 8.70 -13.24 22.95
C6 GST G . 7.34 -13.48 23.66
C7 GST G . 6.73 -12.57 24.44
C9 GST G . 7.40 -11.19 24.67
C8 GST G . 5.35 -12.95 25.08
C1 BTB H . 3.24 -8.58 11.45
O1 BTB H . 2.61 -7.66 12.33
C2 BTB H . 2.27 -9.52 10.69
C3 BTB H . 2.51 -9.62 9.18
O3 BTB H . 1.76 -10.70 8.60
C4 BTB H . 0.86 -8.99 10.88
O4 BTB H . 0.88 -7.78 10.16
N BTB H . 2.48 -10.87 11.20
C5 BTB H . 3.92 -11.14 11.22
C6 BTB H . 4.19 -12.25 10.20
O6 BTB H . 3.38 -13.30 10.58
C7 BTB H . 1.87 -11.01 12.52
C8 BTB H . 1.11 -12.35 12.56
O8 BTB H . 1.97 -13.37 13.05
#